data_4A4U
#
_entry.id   4A4U
#
_cell.length_a   1.000
_cell.length_b   1.000
_cell.length_c   1.000
_cell.angle_alpha   90.00
_cell.angle_beta   90.00
_cell.angle_gamma   90.00
#
_symmetry.space_group_name_H-M   'P 1'
#
_entity_poly.entity_id   1
_entity_poly.type   'polyribonucleotide'
_entity_poly.pdbx_seq_one_letter_code
;GGACCCGGCUGACGCUGGGUCC
;
_entity_poly.pdbx_strand_id   A
#
loop_
_chem_comp.id
_chem_comp.type
_chem_comp.name
_chem_comp.formula
A RNA linking ADENOSINE-5'-MONOPHOSPHATE 'C10 H14 N5 O7 P'
C RNA linking CYTIDINE-5'-MONOPHOSPHATE 'C9 H14 N3 O8 P'
G RNA linking GUANOSINE-5'-MONOPHOSPHATE 'C10 H14 N5 O8 P'
U RNA linking URIDINE-5'-MONOPHOSPHATE 'C9 H13 N2 O9 P'
#